data_1X75
#
_entry.id   1X75
#
_cell.length_a   52.124
_cell.length_b   83.344
_cell.length_c   110.919
_cell.angle_alpha   90.000
_cell.angle_beta   90.000
_cell.angle_gamma   90.000
#
_symmetry.space_group_name_H-M   'P 21 21 21'
#
loop_
_entity.id
_entity.type
_entity.pdbx_description
1 polymer 'DNA gyrase subunit A'
2 polymer 'Cytotoxic protein ccdB'
3 water water
#
loop_
_entity_poly.entity_id
_entity_poly.type
_entity_poly.pdbx_seq_one_letter_code
_entity_poly.pdbx_strand_id
1 'polypeptide(L)'
;TRRTIFELRKARDRAHILEALAVALANIDPIIELIRHAPTPAEAKTALVANPWQLGNVAAMLERAGDDAARPEWLEPEFG
VRDGLYYLTEQQAQAILDLRLQKLTGLEHEKLLDEYKELLDQIAELLRILGS
;
A,B
2 'polypeptide(L)'
;MQFKVYTYKRESRYRLFVDVQSDIIDTPGRRMVIPLASARLLSDKVSRELYPVVHIGDESWRMMTTDMASVPVSVIGEEV
ADLSHRENDIKNAINLMFWGI
;
C,D
#
# COMPACT_ATOMS: atom_id res chain seq x y z
N THR A 1 -25.97 -23.53 -10.14
CA THR A 1 -24.94 -23.78 -11.19
C THR A 1 -24.28 -22.49 -11.61
N ARG A 2 -25.05 -21.41 -11.53
CA ARG A 2 -24.56 -20.09 -11.90
C ARG A 2 -23.49 -19.70 -10.92
N ARG A 3 -23.74 -19.99 -9.64
CA ARG A 3 -22.78 -19.66 -8.59
C ARG A 3 -21.45 -20.37 -8.83
N THR A 4 -21.50 -21.69 -8.99
CA THR A 4 -20.31 -22.52 -9.20
C THR A 4 -19.36 -21.92 -10.24
N ILE A 5 -19.91 -21.64 -11.41
CA ILE A 5 -19.15 -21.08 -12.51
C ILE A 5 -18.44 -19.80 -12.11
N PHE A 6 -19.13 -18.98 -11.33
CA PHE A 6 -18.61 -17.70 -10.86
C PHE A 6 -17.43 -17.96 -9.95
N GLU A 7 -17.65 -18.78 -8.93
CA GLU A 7 -16.61 -19.15 -7.97
C GLU A 7 -15.36 -19.67 -8.70
N LEU A 8 -15.56 -20.33 -9.83
CA LEU A 8 -14.44 -20.83 -10.58
C LEU A 8 -13.72 -19.65 -11.24
N ARG A 9 -14.49 -18.71 -11.79
CA ARG A 9 -13.91 -17.52 -12.41
C ARG A 9 -13.25 -16.66 -11.33
N LYS A 10 -13.90 -16.55 -10.18
CA LYS A 10 -13.35 -15.79 -9.06
C LYS A 10 -12.06 -16.45 -8.63
N ALA A 11 -12.09 -17.78 -8.54
CA ALA A 11 -10.96 -18.58 -8.12
C ALA A 11 -9.78 -18.54 -9.07
N ARG A 12 -10.00 -18.92 -10.33
CA ARG A 12 -8.94 -18.92 -11.32
C ARG A 12 -8.19 -17.59 -11.32
N ASP A 13 -8.96 -16.51 -11.37
CA ASP A 13 -8.45 -15.14 -11.42
C ASP A 13 -7.56 -14.77 -10.25
N ARG A 14 -8.03 -15.13 -9.06
CA ARG A 14 -7.31 -14.88 -7.83
C ARG A 14 -5.98 -15.64 -7.85
N ALA A 15 -6.06 -16.93 -8.17
CA ALA A 15 -4.89 -17.80 -8.23
C ALA A 15 -3.90 -17.36 -9.29
N HIS A 16 -4.41 -16.78 -10.37
CA HIS A 16 -3.56 -16.32 -11.44
C HIS A 16 -2.51 -15.33 -10.90
N ILE A 17 -2.97 -14.39 -10.08
CA ILE A 17 -2.10 -13.38 -9.50
C ILE A 17 -1.18 -13.97 -8.44
N LEU A 18 -1.66 -14.97 -7.71
CA LEU A 18 -0.84 -15.59 -6.68
C LEU A 18 0.24 -16.48 -7.27
N GLU A 19 0.05 -16.95 -8.50
CA GLU A 19 1.07 -17.78 -9.14
C GLU A 19 2.26 -16.90 -9.36
N ALA A 20 2.02 -15.82 -10.10
CA ALA A 20 3.08 -14.87 -10.43
C ALA A 20 3.92 -14.48 -9.22
N LEU A 21 3.30 -14.36 -8.05
CA LEU A 21 4.04 -14.00 -6.85
C LEU A 21 4.82 -15.18 -6.31
N ALA A 22 4.31 -16.39 -6.50
CA ALA A 22 5.02 -17.59 -6.04
C ALA A 22 6.25 -17.82 -6.92
N VAL A 23 6.14 -17.43 -8.19
CA VAL A 23 7.26 -17.56 -9.13
C VAL A 23 8.23 -16.43 -8.83
N ALA A 24 7.69 -15.25 -8.54
CA ALA A 24 8.53 -14.10 -8.23
C ALA A 24 9.39 -14.41 -7.01
N LEU A 25 8.83 -15.14 -6.06
CA LEU A 25 9.60 -15.48 -4.87
C LEU A 25 10.52 -16.67 -5.14
N ALA A 26 10.24 -17.41 -6.21
CA ALA A 26 11.03 -18.56 -6.57
C ALA A 26 12.34 -18.12 -7.20
N ASN A 27 12.42 -16.84 -7.57
CA ASN A 27 13.64 -16.28 -8.16
C ASN A 27 13.77 -14.78 -7.93
N ILE A 28 13.73 -14.40 -6.66
CA ILE A 28 13.82 -13.01 -6.25
C ILE A 28 15.14 -12.34 -6.59
N ASP A 29 16.24 -12.98 -6.28
CA ASP A 29 17.55 -12.43 -6.58
C ASP A 29 17.56 -11.80 -7.96
N PRO A 30 17.26 -12.59 -9.02
CA PRO A 30 17.22 -12.05 -10.40
C PRO A 30 16.13 -10.99 -10.64
N ILE A 31 14.98 -11.12 -9.97
CA ILE A 31 13.91 -10.12 -10.08
C ILE A 31 14.41 -8.81 -9.46
N ILE A 32 14.96 -8.90 -8.25
CA ILE A 32 15.45 -7.71 -7.60
C ILE A 32 16.47 -7.02 -8.50
N GLU A 33 17.43 -7.79 -8.98
CA GLU A 33 18.49 -7.26 -9.83
C GLU A 33 17.87 -6.56 -11.03
N LEU A 34 16.88 -7.21 -11.63
CA LEU A 34 16.22 -6.64 -12.79
C LEU A 34 15.57 -5.29 -12.45
N ILE A 35 14.81 -5.26 -11.36
CA ILE A 35 14.14 -4.05 -10.94
C ILE A 35 15.06 -2.92 -10.49
N ARG A 36 16.02 -3.21 -9.62
CA ARG A 36 16.89 -2.15 -9.14
C ARG A 36 17.80 -1.61 -10.23
N HIS A 37 17.62 -2.16 -11.44
CA HIS A 37 18.39 -1.72 -12.61
C HIS A 37 17.50 -1.01 -13.62
N ALA A 38 16.20 -1.21 -13.50
CA ALA A 38 15.27 -0.56 -14.41
C ALA A 38 15.21 0.90 -13.98
N PRO A 39 15.29 1.83 -14.93
CA PRO A 39 15.23 3.25 -14.58
C PRO A 39 13.87 3.62 -14.03
N THR A 40 12.85 2.91 -14.51
CA THR A 40 11.49 3.18 -14.07
C THR A 40 10.64 1.94 -13.96
N PRO A 41 9.55 2.04 -13.18
CA PRO A 41 8.65 0.92 -13.00
C PRO A 41 8.25 0.43 -14.37
N ALA A 42 7.72 1.33 -15.18
CA ALA A 42 7.25 0.97 -16.51
C ALA A 42 8.24 0.11 -17.26
N GLU A 43 9.53 0.41 -17.15
CA GLU A 43 10.57 -0.38 -17.81
C GLU A 43 10.75 -1.73 -17.12
N ALA A 44 10.78 -1.71 -15.78
CA ALA A 44 10.94 -2.94 -15.02
C ALA A 44 9.79 -3.88 -15.35
N LYS A 45 8.62 -3.31 -15.62
CA LYS A 45 7.45 -4.10 -15.96
C LYS A 45 7.64 -4.81 -17.30
N THR A 46 8.18 -4.08 -18.29
CA THR A 46 8.43 -4.65 -19.59
C THR A 46 9.45 -5.77 -19.46
N ALA A 47 10.56 -5.47 -18.81
CA ALA A 47 11.60 -6.48 -18.62
C ALA A 47 11.00 -7.74 -18.02
N LEU A 48 10.11 -7.58 -17.06
CA LEU A 48 9.50 -8.74 -16.40
C LEU A 48 8.70 -9.70 -17.30
N VAL A 49 7.85 -9.15 -18.17
CA VAL A 49 7.07 -10.02 -19.04
C VAL A 49 7.97 -10.53 -20.17
N ALA A 50 8.92 -9.69 -20.58
CA ALA A 50 9.83 -10.02 -21.66
C ALA A 50 10.47 -11.40 -21.55
N ASN A 51 11.19 -11.65 -20.47
CA ASN A 51 11.85 -12.94 -20.31
C ASN A 51 11.18 -13.84 -19.29
N PRO A 52 10.99 -15.13 -19.65
CA PRO A 52 10.39 -16.21 -18.85
C PRO A 52 11.19 -16.55 -17.60
N TRP A 53 10.56 -17.29 -16.69
CA TRP A 53 11.20 -17.65 -15.43
C TRP A 53 11.07 -19.13 -15.08
N GLN A 54 12.06 -19.64 -14.34
CA GLN A 54 12.06 -21.02 -13.89
C GLN A 54 11.05 -21.09 -12.76
N LEU A 55 10.29 -22.17 -12.70
CA LEU A 55 9.26 -22.34 -11.69
C LEU A 55 9.87 -22.71 -10.34
C ASN A 57 8.84 -25.11 -6.57
N VAL A 58 8.22 -24.25 -7.36
CA VAL A 58 6.76 -24.13 -7.34
C VAL A 58 6.14 -24.99 -8.43
N ALA A 59 7.00 -25.62 -9.24
CA ALA A 59 6.56 -26.49 -10.34
C ALA A 59 5.73 -27.67 -9.87
N ALA A 60 6.21 -28.36 -8.84
CA ALA A 60 5.50 -29.51 -8.29
C ALA A 60 4.09 -29.07 -7.91
N MET A 61 4.04 -28.07 -7.04
CA MET A 61 2.80 -27.50 -6.56
C MET A 61 1.91 -27.07 -7.72
N LEU A 62 2.53 -26.37 -8.65
CA LEU A 62 1.87 -25.82 -9.84
C LEU A 62 1.08 -26.81 -10.68
N GLU A 63 0.90 -28.02 -10.16
CA GLU A 63 0.16 -29.04 -10.90
C GLU A 63 -1.21 -28.52 -11.32
N ASP A 67 -3.20 -30.82 -13.83
CA ASP A 67 -4.25 -29.81 -13.68
C ASP A 67 -3.95 -28.55 -14.45
N ASP A 68 -4.71 -28.33 -15.52
CA ASP A 68 -4.54 -27.14 -16.35
C ASP A 68 -5.85 -26.38 -16.20
N ALA A 69 -6.30 -26.20 -14.96
CA ALA A 69 -7.57 -25.54 -14.73
C ALA A 69 -7.56 -24.28 -13.90
N ALA A 70 -6.42 -23.96 -13.30
CA ALA A 70 -6.32 -22.76 -12.47
C ALA A 70 -6.08 -21.53 -13.33
N ARG A 71 -5.97 -21.74 -14.64
CA ARG A 71 -5.73 -20.64 -15.55
C ARG A 71 -7.02 -20.08 -16.14
N PRO A 72 -7.12 -18.75 -16.16
CA PRO A 72 -8.26 -18.00 -16.67
C PRO A 72 -8.65 -18.38 -18.09
N GLU A 73 -9.96 -18.47 -18.33
CA GLU A 73 -10.46 -18.82 -19.65
C GLU A 73 -10.01 -17.74 -20.64
N TRP A 74 -9.67 -16.56 -20.13
CA TRP A 74 -9.23 -15.45 -20.97
C TRP A 74 -7.71 -15.40 -21.14
N LEU A 75 -6.99 -16.21 -20.38
CA LEU A 75 -5.53 -16.22 -20.45
C LEU A 75 -5.04 -16.62 -21.83
N GLU A 76 -4.40 -15.68 -22.51
CA GLU A 76 -3.88 -15.93 -23.84
C GLU A 76 -3.00 -17.19 -23.76
N PRO A 77 -2.82 -17.89 -24.90
CA PRO A 77 -2.03 -19.11 -25.00
C PRO A 77 -0.52 -18.80 -24.94
N GLU A 78 -0.17 -17.53 -25.06
CA GLU A 78 1.22 -17.09 -25.02
C GLU A 78 1.69 -16.90 -23.57
N PHE A 79 0.77 -17.01 -22.62
CA PHE A 79 1.06 -16.80 -21.22
C PHE A 79 0.91 -18.05 -20.36
N GLY A 80 1.59 -18.04 -19.21
CA GLY A 80 1.48 -19.16 -18.31
C GLY A 80 2.66 -20.09 -18.42
N VAL A 81 2.48 -21.32 -17.96
CA VAL A 81 3.55 -22.30 -18.03
C VAL A 81 3.59 -22.85 -19.44
N ARG A 82 4.66 -22.52 -20.15
CA ARG A 82 4.83 -22.98 -21.51
C ARG A 82 6.24 -23.53 -21.73
N ASP A 83 6.46 -24.77 -21.31
CA ASP A 83 7.74 -25.48 -21.45
C ASP A 83 8.69 -25.34 -20.28
N GLY A 84 8.14 -25.57 -19.09
CA GLY A 84 8.90 -25.49 -17.87
C GLY A 84 9.30 -24.08 -17.53
N LEU A 85 8.82 -23.12 -18.31
CA LEU A 85 9.14 -21.72 -18.04
C LEU A 85 7.84 -20.96 -17.88
N TYR A 86 7.86 -19.92 -17.08
CA TYR A 86 6.65 -19.15 -16.84
C TYR A 86 6.66 -17.84 -17.59
N TYR A 87 5.54 -17.53 -18.24
CA TYR A 87 5.43 -16.29 -19.00
C TYR A 87 4.40 -15.37 -18.32
N LEU A 88 4.90 -14.33 -17.67
CA LEU A 88 4.09 -13.36 -16.94
C LEU A 88 3.25 -12.44 -17.82
N THR A 89 2.06 -12.11 -17.35
CA THR A 89 1.18 -11.18 -18.05
C THR A 89 1.64 -9.82 -17.53
N GLU A 90 1.21 -8.76 -18.19
CA GLU A 90 1.60 -7.43 -17.76
C GLU A 90 0.96 -7.15 -16.39
N GLN A 91 -0.25 -7.69 -16.19
CA GLN A 91 -0.97 -7.52 -14.95
C GLN A 91 -0.29 -8.20 -13.77
N GLN A 92 0.34 -9.34 -14.02
CA GLN A 92 1.05 -10.08 -12.97
C GLN A 92 2.34 -9.37 -12.57
N ALA A 93 3.05 -8.84 -13.57
CA ALA A 93 4.30 -8.12 -13.33
C ALA A 93 4.00 -6.95 -12.40
N GLN A 94 2.85 -6.30 -12.64
CA GLN A 94 2.44 -5.18 -11.81
C GLN A 94 2.37 -5.66 -10.36
N ALA A 95 1.65 -6.76 -10.13
CA ALA A 95 1.50 -7.32 -8.79
C ALA A 95 2.85 -7.54 -8.08
N ILE A 96 3.83 -8.03 -8.83
CA ILE A 96 5.16 -8.25 -8.29
C ILE A 96 5.82 -6.90 -7.94
N LEU A 97 5.56 -5.87 -8.75
CA LEU A 97 6.15 -4.55 -8.49
C LEU A 97 5.54 -3.89 -7.25
N ASP A 98 4.30 -4.28 -6.94
CA ASP A 98 3.56 -3.73 -5.81
C ASP A 98 3.87 -4.45 -4.50
N LEU A 99 4.63 -5.53 -4.55
CA LEU A 99 4.95 -6.27 -3.34
C LEU A 99 5.72 -5.48 -2.31
N ARG A 100 5.35 -5.68 -1.05
CA ARG A 100 6.02 -5.02 0.05
C ARG A 100 7.12 -5.92 0.62
N LEU A 101 8.34 -5.39 0.73
CA LEU A 101 9.46 -6.16 1.25
C LEU A 101 9.10 -7.16 2.36
N GLN A 102 8.32 -6.74 3.35
CA GLN A 102 7.94 -7.62 4.45
C GLN A 102 7.41 -8.96 3.93
N LYS A 103 6.78 -8.93 2.76
CA LYS A 103 6.24 -10.16 2.19
C LYS A 103 7.33 -11.15 1.83
N LEU A 104 8.59 -10.74 2.01
CA LEU A 104 9.74 -11.59 1.72
C LEU A 104 10.16 -12.41 2.93
N THR A 105 9.57 -12.10 4.08
CA THR A 105 9.91 -12.84 5.27
C THR A 105 9.46 -14.28 5.11
N GLY A 106 10.02 -15.17 5.92
CA GLY A 106 9.69 -16.58 5.86
C GLY A 106 8.22 -16.92 6.03
N LEU A 107 7.67 -16.59 7.19
CA LEU A 107 6.27 -16.88 7.46
C LEU A 107 5.35 -16.29 6.39
N GLU A 108 5.74 -15.13 5.86
CA GLU A 108 4.96 -14.46 4.83
C GLU A 108 5.02 -15.16 3.48
N HIS A 109 6.17 -15.74 3.17
CA HIS A 109 6.34 -16.46 1.91
C HIS A 109 5.39 -17.65 1.88
N GLU A 110 5.26 -18.33 3.03
CA GLU A 110 4.41 -19.51 3.16
C GLU A 110 2.93 -19.21 3.05
N LYS A 111 2.50 -18.09 3.61
CA LYS A 111 1.08 -17.71 3.56
C LYS A 111 0.61 -17.59 2.12
N LEU A 112 1.52 -17.21 1.22
CA LEU A 112 1.19 -17.10 -0.19
C LEU A 112 1.03 -18.51 -0.75
N LEU A 113 2.07 -19.31 -0.59
CA LEU A 113 2.02 -20.66 -1.09
C LEU A 113 0.79 -21.38 -0.58
N ASP A 114 0.42 -21.11 0.66
CA ASP A 114 -0.75 -21.74 1.25
C ASP A 114 -2.03 -21.34 0.60
N GLU A 115 -2.26 -20.04 0.46
CA GLU A 115 -3.49 -19.58 -0.16
C GLU A 115 -3.57 -20.10 -1.59
N TYR A 116 -2.45 -20.01 -2.30
CA TYR A 116 -2.37 -20.49 -3.68
C TYR A 116 -2.84 -21.95 -3.76
N LYS A 117 -2.30 -22.78 -2.88
CA LYS A 117 -2.63 -24.19 -2.85
C LYS A 117 -4.10 -24.42 -2.50
N GLU A 118 -4.66 -23.57 -1.63
CA GLU A 118 -6.06 -23.68 -1.24
C GLU A 118 -6.91 -23.40 -2.48
N LEU A 119 -6.59 -22.31 -3.18
CA LEU A 119 -7.32 -21.97 -4.40
C LEU A 119 -7.29 -23.13 -5.39
N LEU A 120 -6.10 -23.72 -5.58
CA LEU A 120 -5.97 -24.83 -6.51
C LEU A 120 -6.86 -25.98 -6.07
N ASP A 121 -7.08 -26.10 -4.76
CA ASP A 121 -7.95 -27.16 -4.23
C ASP A 121 -9.41 -26.91 -4.58
N GLN A 122 -9.84 -25.67 -4.35
CA GLN A 122 -11.21 -25.26 -4.62
C GLN A 122 -11.50 -25.39 -6.11
N ILE A 123 -10.59 -24.86 -6.91
CA ILE A 123 -10.72 -24.92 -8.36
C ILE A 123 -10.91 -26.36 -8.79
N ALA A 124 -10.30 -27.27 -8.05
CA ALA A 124 -10.38 -28.71 -8.35
C ALA A 124 -11.81 -29.24 -8.15
N GLU A 125 -12.34 -29.03 -6.95
CA GLU A 125 -13.68 -29.49 -6.62
C GLU A 125 -14.76 -28.76 -7.42
N LEU A 126 -14.52 -27.48 -7.73
CA LEU A 126 -15.50 -26.74 -8.51
C LEU A 126 -15.65 -27.40 -9.87
N LEU A 127 -14.59 -28.05 -10.34
CA LEU A 127 -14.62 -28.75 -11.62
C LEU A 127 -15.33 -30.10 -11.49
N ARG A 128 -14.98 -30.87 -10.46
CA ARG A 128 -15.64 -32.15 -10.25
C ARG A 128 -17.11 -31.79 -10.31
N ILE A 129 -17.49 -30.76 -9.56
CA ILE A 129 -18.85 -30.27 -9.52
C ILE A 129 -19.32 -29.84 -10.91
N LEU A 130 -18.41 -29.25 -11.68
CA LEU A 130 -18.74 -28.82 -13.04
C LEU A 130 -19.09 -30.08 -13.84
N GLY A 131 -18.12 -30.99 -13.95
CA GLY A 131 -18.32 -32.22 -14.68
C GLY A 131 -19.56 -32.96 -14.17
N SER A 132 -19.48 -33.49 -12.96
CA SER A 132 -20.59 -34.20 -12.36
C SER A 132 -21.89 -33.43 -12.55
N THR B 1 6.14 32.75 16.02
CA THR B 1 4.73 32.28 15.82
C THR B 1 4.59 30.76 15.96
N ARG B 2 3.52 30.31 16.61
CA ARG B 2 3.28 28.88 16.73
C ARG B 2 3.31 28.39 15.29
N ARG B 3 2.58 29.09 14.43
CA ARG B 3 2.49 28.76 13.02
C ARG B 3 3.80 28.19 12.48
N THR B 4 4.91 28.85 12.80
CA THR B 4 6.23 28.44 12.34
C THR B 4 6.67 27.10 12.92
N ILE B 5 6.64 26.98 14.25
CA ILE B 5 7.05 25.77 14.93
C ILE B 5 6.26 24.58 14.41
N PHE B 6 4.96 24.79 14.22
CA PHE B 6 4.07 23.76 13.71
C PHE B 6 4.65 23.29 12.37
N GLU B 7 5.06 24.23 11.54
CA GLU B 7 5.65 23.89 10.25
C GLU B 7 6.95 23.10 10.41
N LEU B 8 7.79 23.54 11.35
CA LEU B 8 9.07 22.88 11.62
C LEU B 8 8.86 21.43 12.01
N ARG B 9 8.08 21.22 13.06
CA ARG B 9 7.79 19.88 13.56
C ARG B 9 7.28 18.95 12.46
N LYS B 10 6.39 19.47 11.61
CA LYS B 10 5.80 18.74 10.50
C LYS B 10 6.86 18.28 9.48
N ALA B 11 7.74 19.18 9.08
CA ALA B 11 8.79 18.86 8.12
C ALA B 11 9.78 17.84 8.71
N ARG B 12 10.15 18.05 9.98
CA ARG B 12 11.10 17.17 10.68
C ARG B 12 10.59 15.73 10.68
N ASP B 13 9.37 15.59 11.16
CA ASP B 13 8.67 14.32 11.23
C ASP B 13 8.67 13.61 9.87
N ARG B 14 8.30 14.37 8.86
CA ARG B 14 8.20 13.91 7.49
C ARG B 14 9.55 13.42 7.00
N ALA B 15 10.56 14.31 7.11
CA ALA B 15 11.92 13.99 6.67
C ALA B 15 12.53 12.83 7.42
N HIS B 16 12.10 12.65 8.66
CA HIS B 16 12.61 11.57 9.51
C HIS B 16 12.34 10.23 8.88
N ILE B 17 11.16 10.07 8.32
CA ILE B 17 10.81 8.80 7.68
C ILE B 17 11.53 8.68 6.34
N LEU B 18 11.72 9.80 5.65
CA LEU B 18 12.39 9.77 4.36
C LEU B 18 13.88 9.43 4.50
N GLU B 19 14.46 9.78 5.64
CA GLU B 19 15.87 9.44 5.84
C GLU B 19 15.98 7.93 5.85
N ALA B 20 15.23 7.31 6.74
CA ALA B 20 15.21 5.85 6.88
C ALA B 20 15.22 5.17 5.53
N LEU B 21 14.43 5.70 4.61
CA LEU B 21 14.34 5.11 3.28
C LEU B 21 15.60 5.35 2.46
N ALA B 22 16.20 6.52 2.62
CA ALA B 22 17.42 6.86 1.89
C ALA B 22 18.53 5.94 2.34
N VAL B 23 18.55 5.66 3.63
CA VAL B 23 19.56 4.80 4.22
C VAL B 23 19.26 3.36 3.84
N ALA B 24 17.98 3.02 3.87
CA ALA B 24 17.56 1.69 3.49
C ALA B 24 17.97 1.40 2.05
N LEU B 25 17.83 2.37 1.15
CA LEU B 25 18.22 2.12 -0.23
C LEU B 25 19.71 2.27 -0.47
N ALA B 26 20.42 2.80 0.52
CA ALA B 26 21.86 2.95 0.41
C ALA B 26 22.53 1.65 0.74
N ASN B 27 21.77 0.70 1.29
CA ASN B 27 22.31 -0.64 1.60
C ASN B 27 21.23 -1.71 1.45
N ILE B 28 20.54 -1.72 0.31
CA ILE B 28 19.46 -2.69 0.07
C ILE B 28 19.85 -4.14 0.12
N ASP B 29 20.94 -4.50 -0.55
CA ASP B 29 21.34 -5.90 -0.56
C ASP B 29 21.38 -6.50 0.85
N PRO B 30 22.07 -5.86 1.82
CA PRO B 30 22.08 -6.44 3.17
C PRO B 30 20.70 -6.39 3.85
N ILE B 31 19.91 -5.34 3.56
CA ILE B 31 18.57 -5.23 4.13
C ILE B 31 17.75 -6.40 3.60
N ILE B 32 17.76 -6.56 2.28
CA ILE B 32 17.02 -7.65 1.65
C ILE B 32 17.39 -8.95 2.31
N GLU B 33 18.68 -9.23 2.37
CA GLU B 33 19.14 -10.47 2.94
C GLU B 33 18.63 -10.61 4.38
N LEU B 34 18.66 -9.52 5.14
CA LEU B 34 18.17 -9.55 6.52
C LEU B 34 16.70 -9.92 6.52
N ILE B 35 15.91 -9.23 5.71
CA ILE B 35 14.48 -9.50 5.65
C ILE B 35 14.17 -10.90 5.11
N ARG B 36 14.75 -11.26 3.97
CA ARG B 36 14.46 -12.57 3.39
C ARG B 36 14.87 -13.76 4.26
N HIS B 37 15.50 -13.48 5.39
CA HIS B 37 15.90 -14.53 6.30
C HIS B 37 15.18 -14.45 7.63
N ALA B 38 14.43 -13.37 7.86
CA ALA B 38 13.68 -13.24 9.10
C ALA B 38 12.42 -14.08 8.92
N PRO B 39 12.05 -14.85 9.93
CA PRO B 39 10.86 -15.69 9.84
C PRO B 39 9.61 -14.85 9.74
N THR B 40 9.62 -13.72 10.43
CA THR B 40 8.46 -12.85 10.45
C THR B 40 8.80 -11.39 10.38
N PRO B 41 7.85 -10.58 9.95
CA PRO B 41 8.08 -9.14 9.86
C PRO B 41 8.55 -8.62 11.21
N ALA B 42 7.84 -9.01 12.26
CA ALA B 42 8.18 -8.57 13.61
C ALA B 42 9.67 -8.77 13.86
N GLU B 43 10.18 -9.94 13.53
CA GLU B 43 11.58 -10.22 13.74
C GLU B 43 12.46 -9.36 12.85
N ALA B 44 12.08 -9.26 11.58
CA ALA B 44 12.84 -8.44 10.65
C ALA B 44 12.95 -7.02 11.20
N LYS B 45 11.87 -6.54 11.80
CA LYS B 45 11.82 -5.19 12.36
C LYS B 45 12.82 -5.02 13.50
N THR B 46 12.89 -6.03 14.37
CA THR B 46 13.83 -6.04 15.49
C THR B 46 15.24 -5.99 14.91
N ALA B 47 15.54 -6.92 14.00
CA ALA B 47 16.85 -6.98 13.37
C ALA B 47 17.27 -5.61 12.84
N LEU B 48 16.35 -4.96 12.14
CA LEU B 48 16.59 -3.64 11.55
C LEU B 48 17.03 -2.55 12.51
N VAL B 49 16.35 -2.41 13.66
CA VAL B 49 16.73 -1.36 14.61
C VAL B 49 17.96 -1.81 15.38
N ALA B 50 18.08 -3.12 15.62
CA ALA B 50 19.22 -3.65 16.34
C ALA B 50 20.57 -3.18 15.80
N ASN B 51 20.89 -3.47 14.56
CA ASN B 51 22.20 -3.05 14.07
C ASN B 51 22.15 -1.87 13.12
N PRO B 52 23.07 -0.92 13.31
CA PRO B 52 23.31 0.35 12.61
C PRO B 52 23.65 0.14 11.15
N TRP B 53 23.51 1.20 10.36
CA TRP B 53 23.80 1.05 8.97
C TRP B 53 24.69 2.15 8.47
N GLN B 54 25.50 1.78 7.48
CA GLN B 54 26.44 2.69 6.84
C GLN B 54 25.66 3.82 6.19
N LEU B 55 26.06 5.05 6.46
CA LEU B 55 25.42 6.18 5.82
C LEU B 55 26.06 6.08 4.46
N GLY B 56 25.28 5.70 3.45
CA GLY B 56 25.86 5.56 2.13
C GLY B 56 26.30 6.86 1.51
N ASN B 57 26.02 6.99 0.22
CA ASN B 57 26.37 8.21 -0.49
C ASN B 57 25.37 9.30 -0.08
N VAL B 58 24.62 8.98 0.97
CA VAL B 58 23.61 9.85 1.56
C VAL B 58 24.23 10.52 2.77
N ALA B 59 25.41 10.03 3.16
CA ALA B 59 26.15 10.56 4.30
C ALA B 59 26.22 12.07 4.16
N ALA B 60 26.84 12.51 3.07
CA ALA B 60 27.01 13.93 2.79
C ALA B 60 25.69 14.69 2.65
N MET B 61 24.61 13.99 2.31
CA MET B 61 23.32 14.64 2.16
C MET B 61 22.74 14.99 3.51
N LEU B 62 22.97 14.10 4.48
CA LEU B 62 22.48 14.32 5.84
C LEU B 62 23.17 15.53 6.45
N GLU B 63 24.50 15.52 6.42
CA GLU B 63 25.31 16.60 6.96
C GLU B 63 24.75 17.98 6.63
N ASP B 67 25.43 20.23 13.73
CA ASP B 67 24.81 21.25 12.88
C ASP B 67 23.59 20.69 12.16
N ASP B 68 22.94 19.72 12.80
CA ASP B 68 21.75 19.08 12.23
C ASP B 68 20.51 19.63 12.92
N ALA B 69 19.45 19.81 12.14
CA ALA B 69 18.20 20.34 12.65
C ALA B 69 17.02 19.67 11.95
N ALA B 70 17.31 18.67 11.12
CA ALA B 70 16.24 17.97 10.43
C ALA B 70 15.69 16.89 11.35
N ARG B 71 16.28 16.78 12.55
CA ARG B 71 15.83 15.77 13.49
C ARG B 71 14.79 16.31 14.43
N PRO B 72 13.73 15.51 14.66
CA PRO B 72 12.59 15.80 15.51
C PRO B 72 12.97 16.21 16.91
N GLU B 73 12.31 17.23 17.44
CA GLU B 73 12.57 17.70 18.79
C GLU B 73 12.32 16.54 19.77
N TRP B 74 11.54 15.56 19.34
CA TRP B 74 11.21 14.41 20.16
C TRP B 74 12.09 13.21 19.97
N LEU B 75 13.00 13.24 18.99
CA LEU B 75 13.86 12.08 18.75
C LEU B 75 14.86 11.87 19.88
N GLU B 76 14.88 10.66 20.43
CA GLU B 76 15.79 10.34 21.52
C GLU B 76 17.23 10.22 21.00
N PRO B 77 18.22 10.51 21.85
CA PRO B 77 19.64 10.47 21.52
C PRO B 77 20.22 9.12 21.08
N GLU B 78 19.51 8.04 21.37
CA GLU B 78 20.01 6.73 20.99
C GLU B 78 19.69 6.42 19.54
N PHE B 79 19.05 7.39 18.87
CA PHE B 79 18.64 7.24 17.49
C PHE B 79 19.19 8.29 16.54
N GLY B 80 19.22 7.95 15.27
CA GLY B 80 19.71 8.88 14.27
C GLY B 80 21.15 8.61 13.93
N VAL B 81 21.81 9.63 13.41
CA VAL B 81 23.18 9.51 13.04
C VAL B 81 24.03 9.69 14.28
N ARG B 82 24.71 8.63 14.67
CA ARG B 82 25.58 8.76 15.80
C ARG B 82 26.84 7.95 15.60
N ASP B 83 27.85 8.61 15.03
CA ASP B 83 29.16 8.03 14.77
C ASP B 83 29.30 7.50 13.37
N GLY B 84 28.77 8.25 12.40
CA GLY B 84 28.86 7.84 11.01
C GLY B 84 28.00 6.63 10.71
N LEU B 85 27.18 6.25 11.68
CA LEU B 85 26.29 5.13 11.52
C LEU B 85 24.89 5.57 11.91
N TYR B 86 23.89 4.99 11.24
CA TYR B 86 22.52 5.36 11.47
C TYR B 86 21.76 4.35 12.31
N TYR B 87 21.10 4.82 13.34
CA TYR B 87 20.31 3.93 14.16
C TYR B 87 18.84 4.22 13.89
N LEU B 88 18.16 3.21 13.35
CA LEU B 88 16.74 3.34 13.02
C LEU B 88 15.81 3.19 14.20
N THR B 89 14.70 3.89 14.15
CA THR B 89 13.70 3.76 15.19
C THR B 89 12.77 2.64 14.71
N GLU B 90 11.96 2.11 15.62
CA GLU B 90 11.04 1.03 15.28
C GLU B 90 10.10 1.50 14.17
N GLN B 91 9.75 2.78 14.23
CA GLN B 91 8.87 3.46 13.27
C GLN B 91 9.43 3.47 11.86
N GLN B 92 10.72 3.80 11.76
CA GLN B 92 11.40 3.84 10.47
C GLN B 92 11.56 2.45 9.88
N ALA B 93 11.88 1.48 10.73
CA ALA B 93 12.02 0.11 10.27
C ALA B 93 10.73 -0.31 9.58
N GLN B 94 9.60 0.06 10.19
CA GLN B 94 8.30 -0.28 9.64
C GLN B 94 8.18 0.25 8.22
N ALA B 95 8.48 1.53 8.05
CA ALA B 95 8.39 2.17 6.73
C ALA B 95 9.21 1.42 5.69
N ILE B 96 10.40 0.95 6.07
CA ILE B 96 11.23 0.19 5.15
C ILE B 96 10.57 -1.17 4.84
N LEU B 97 9.89 -1.76 5.82
CA LEU B 97 9.25 -3.04 5.57
C LEU B 97 8.05 -2.88 4.66
N ASP B 98 7.43 -1.70 4.70
CA ASP B 98 6.25 -1.42 3.89
C ASP B 98 6.56 -0.98 2.45
N LEU B 99 7.86 -0.84 2.15
CA LEU B 99 8.26 -0.43 0.80
C LEU B 99 7.85 -1.41 -0.29
N ARG B 100 7.39 -0.87 -1.40
CA ARG B 100 7.00 -1.68 -2.51
C ARG B 100 8.18 -1.73 -3.50
N LEU B 101 8.47 -2.93 -3.99
CA LEU B 101 9.58 -3.16 -4.91
C LEU B 101 9.83 -2.12 -5.97
N GLN B 102 8.77 -1.65 -6.62
CA GLN B 102 8.89 -0.67 -7.69
C GLN B 102 9.60 0.59 -7.20
N LYS B 103 9.59 0.81 -5.90
CA LYS B 103 10.27 1.99 -5.36
C LYS B 103 11.76 1.80 -5.43
N LEU B 104 12.18 0.66 -5.95
CA LEU B 104 13.61 0.34 -6.10
C LEU B 104 14.16 0.78 -7.43
N THR B 105 13.28 1.10 -8.37
CA THR B 105 13.75 1.52 -9.69
C THR B 105 14.58 2.79 -9.55
N GLY B 106 15.33 3.09 -10.60
CA GLY B 106 16.17 4.28 -10.60
C GLY B 106 15.44 5.59 -10.38
N LEU B 107 14.51 5.93 -11.28
CA LEU B 107 13.76 7.18 -11.17
C LEU B 107 13.00 7.31 -9.84
N GLU B 108 12.56 6.18 -9.30
CA GLU B 108 11.84 6.17 -8.04
C GLU B 108 12.76 6.44 -6.87
N HIS B 109 13.99 5.93 -6.96
CA HIS B 109 14.97 6.15 -5.91
C HIS B 109 15.28 7.65 -5.78
N GLU B 110 15.38 8.31 -6.92
CA GLU B 110 15.69 9.73 -6.96
C GLU B 110 14.63 10.63 -6.40
N LYS B 111 13.36 10.30 -6.62
CA LYS B 111 12.27 11.14 -6.10
C LYS B 111 12.28 11.17 -4.57
N LEU B 112 12.74 10.09 -3.95
CA LEU B 112 12.82 10.06 -2.49
C LEU B 112 13.89 11.04 -2.06
N LEU B 113 15.09 10.84 -2.60
CA LEU B 113 16.22 11.68 -2.29
C LEU B 113 15.88 13.14 -2.58
N ASP B 114 15.09 13.39 -3.60
CA ASP B 114 14.74 14.75 -3.88
C ASP B 114 13.74 15.35 -2.91
N GLU B 115 12.73 14.61 -2.49
CA GLU B 115 11.78 15.19 -1.54
C GLU B 115 12.51 15.40 -0.22
N TYR B 116 13.36 14.45 0.13
CA TYR B 116 14.12 14.54 1.37
C TYR B 116 14.91 15.86 1.39
N LYS B 117 15.61 16.10 0.29
CA LYS B 117 16.42 17.32 0.12
C LYS B 117 15.56 18.57 0.19
N GLU B 118 14.36 18.52 -0.35
CA GLU B 118 13.46 19.67 -0.30
C GLU B 118 13.11 19.95 1.15
N LEU B 119 12.66 18.91 1.87
CA LEU B 119 12.31 19.10 3.27
C LEU B 119 13.50 19.65 4.06
N LEU B 120 14.71 19.19 3.71
CA LEU B 120 15.89 19.70 4.40
C LEU B 120 16.05 21.20 4.14
N ASP B 121 15.63 21.65 2.97
CA ASP B 121 15.73 23.07 2.65
C ASP B 121 14.71 23.87 3.42
N GLN B 122 13.49 23.35 3.50
CA GLN B 122 12.43 24.05 4.21
C GLN B 122 12.78 24.16 5.69
N ILE B 123 13.20 23.05 6.28
CA ILE B 123 13.58 23.04 7.70
C ILE B 123 14.50 24.24 7.99
N ALA B 124 15.59 24.30 7.24
CA ALA B 124 16.57 25.36 7.36
C ALA B 124 15.93 26.74 7.30
N GLU B 125 15.04 26.93 6.33
CA GLU B 125 14.40 28.22 6.16
C GLU B 125 13.55 28.50 7.39
N LEU B 126 12.90 27.45 7.91
CA LEU B 126 12.06 27.59 9.08
C LEU B 126 12.83 27.99 10.35
N LEU B 127 14.03 27.46 10.50
CA LEU B 127 14.83 27.80 11.66
C LEU B 127 15.30 29.25 11.54
N ARG B 128 15.51 29.70 10.31
CA ARG B 128 15.95 31.06 10.06
C ARG B 128 14.82 31.99 10.49
N ILE B 129 13.59 31.52 10.40
CA ILE B 129 12.46 32.32 10.81
C ILE B 129 12.39 32.29 12.33
N LEU B 130 12.54 31.12 12.95
CA LEU B 130 12.55 31.06 14.41
C LEU B 130 13.77 31.86 14.86
N GLY B 131 14.69 32.08 13.93
CA GLY B 131 15.88 32.85 14.24
C GLY B 131 15.43 34.29 14.39
N SER B 132 15.09 34.94 13.28
CA SER B 132 14.64 36.33 13.31
C SER B 132 13.42 36.49 14.23
N MET C 1 -15.31 -2.41 -11.76
CA MET C 1 -13.92 -2.87 -12.05
C MET C 1 -12.87 -1.82 -11.70
N GLN C 2 -11.70 -2.29 -11.27
CA GLN C 2 -10.63 -1.38 -10.88
C GLN C 2 -10.13 -0.48 -12.00
N PHE C 3 -9.97 0.81 -11.66
CA PHE C 3 -9.50 1.87 -12.55
C PHE C 3 -10.51 2.41 -13.55
N LYS C 4 -11.74 1.92 -13.49
CA LYS C 4 -12.76 2.41 -14.41
C LYS C 4 -13.57 3.49 -13.72
N VAL C 5 -13.87 4.55 -14.45
CA VAL C 5 -14.61 5.64 -13.89
C VAL C 5 -16.09 5.60 -14.27
N TYR C 6 -16.95 5.58 -13.26
CA TYR C 6 -18.39 5.52 -13.49
C TYR C 6 -19.08 6.81 -13.12
N THR C 7 -20.41 6.72 -13.05
CA THR C 7 -21.25 7.84 -12.70
C THR C 7 -22.22 7.29 -11.69
N TYR C 8 -22.85 8.18 -10.92
CA TYR C 8 -23.82 7.74 -9.94
C TYR C 8 -25.20 7.71 -10.60
N LYS C 9 -25.98 6.67 -10.32
CA LYS C 9 -27.32 6.51 -10.87
C LYS C 9 -27.88 5.14 -10.49
N SER C 12 -26.23 12.75 -5.24
CA SER C 12 -25.10 12.62 -6.15
C SER C 12 -23.84 13.37 -5.70
N ARG C 13 -23.95 14.68 -5.46
CA ARG C 13 -22.82 15.54 -5.01
C ARG C 13 -21.68 15.62 -6.00
N TYR C 14 -21.07 14.46 -6.27
CA TYR C 14 -19.98 14.36 -7.21
C TYR C 14 -20.51 13.84 -8.56
N ARG C 15 -19.87 14.30 -9.63
CA ARG C 15 -20.27 13.91 -10.97
C ARG C 15 -19.73 12.56 -11.39
N LEU C 16 -18.50 12.28 -10.98
CA LEU C 16 -17.80 11.04 -11.34
C LEU C 16 -17.04 10.37 -10.18
N PHE C 17 -16.79 9.07 -10.32
CA PHE C 17 -16.04 8.35 -9.30
C PHE C 17 -15.17 7.24 -9.91
N VAL C 18 -14.05 6.94 -9.27
CA VAL C 18 -13.14 5.91 -9.77
C VAL C 18 -13.13 4.64 -8.91
N ASP C 19 -13.38 3.50 -9.54
CA ASP C 19 -13.34 2.24 -8.83
C ASP C 19 -11.85 1.98 -8.56
N VAL C 20 -11.45 2.06 -7.29
CA VAL C 20 -10.06 1.88 -6.91
C VAL C 20 -9.83 0.59 -6.15
N GLN C 21 -10.84 -0.27 -6.13
CA GLN C 21 -10.76 -1.55 -5.41
C GLN C 21 -10.24 -2.72 -6.24
N SER C 22 -9.41 -3.56 -5.65
CA SER C 22 -8.88 -4.71 -6.39
C SER C 22 -10.00 -5.59 -6.94
N ASP C 23 -9.83 -6.01 -8.20
CA ASP C 23 -10.77 -6.89 -8.88
C ASP C 23 -10.68 -8.31 -8.36
N ILE C 24 -9.79 -8.54 -7.41
CA ILE C 24 -9.60 -9.87 -6.86
C ILE C 24 -10.15 -9.96 -5.43
N ILE C 25 -11.00 -9.00 -5.08
CA ILE C 25 -11.64 -8.90 -3.75
C ILE C 25 -13.15 -8.67 -3.91
N ASP C 26 -13.96 -9.64 -3.48
CA ASP C 26 -15.40 -9.49 -3.60
C ASP C 26 -15.99 -8.83 -2.35
N THR C 27 -16.66 -7.70 -2.49
CA THR C 27 -17.21 -7.05 -1.32
C THR C 27 -18.67 -7.41 -0.96
N PRO C 28 -19.54 -7.52 -1.97
CA PRO C 28 -20.65 -7.70 -2.91
C PRO C 28 -21.75 -6.70 -2.57
N GLY C 29 -22.06 -5.83 -3.53
CA GLY C 29 -23.06 -4.82 -3.29
C GLY C 29 -22.32 -3.52 -3.07
N ARG C 30 -21.09 -3.65 -2.58
CA ARG C 30 -20.25 -2.50 -2.30
C ARG C 30 -19.11 -2.39 -3.29
N ARG C 31 -18.33 -1.33 -3.13
CA ARG C 31 -17.19 -1.08 -3.97
C ARG C 31 -16.48 0.17 -3.44
N MET C 32 -15.16 0.08 -3.23
CA MET C 32 -14.40 1.24 -2.77
C MET C 32 -14.14 2.16 -3.94
N VAL C 33 -14.39 3.42 -3.73
CA VAL C 33 -14.27 4.39 -4.80
C VAL C 33 -13.62 5.72 -4.38
N ILE C 34 -13.15 6.49 -5.37
CA ILE C 34 -12.59 7.82 -5.10
C ILE C 34 -13.27 8.81 -6.03
N PRO C 35 -14.09 9.72 -5.47
CA PRO C 35 -14.80 10.73 -6.27
C PRO C 35 -13.95 11.70 -7.08
N LEU C 36 -14.42 12.03 -8.27
CA LEU C 36 -13.73 12.95 -9.17
C LEU C 36 -14.38 14.33 -9.13
N ALA C 37 -13.58 15.34 -8.80
CA ALA C 37 -14.07 16.70 -8.73
C ALA C 37 -13.52 17.47 -9.93
N SER C 38 -14.33 18.34 -10.50
CA SER C 38 -13.87 19.11 -11.63
C SER C 38 -12.60 19.84 -11.13
N ALA C 39 -11.52 19.71 -11.89
CA ALA C 39 -10.21 20.28 -11.56
C ALA C 39 -10.15 21.77 -11.21
N ARG C 40 -10.85 22.59 -12.00
CA ARG C 40 -10.88 24.04 -11.75
C ARG C 40 -11.20 24.35 -10.28
N LEU C 41 -12.13 23.58 -9.71
CA LEU C 41 -12.58 23.76 -8.32
C LEU C 41 -11.45 23.72 -7.27
N LEU C 42 -10.23 23.42 -7.70
CA LEU C 42 -9.08 23.39 -6.82
C LEU C 42 -7.95 24.23 -7.40
N SER C 43 -7.01 24.64 -6.55
CA SER C 43 -5.90 25.45 -7.02
C SER C 43 -4.72 24.61 -7.47
N ASP C 44 -4.03 25.07 -8.51
CA ASP C 44 -2.88 24.35 -9.05
C ASP C 44 -1.77 24.12 -8.01
N LYS C 45 -2.00 24.60 -6.79
CA LYS C 45 -1.01 24.43 -5.73
C LYS C 45 -1.08 23.04 -5.11
N VAL C 46 -2.30 22.52 -4.96
CA VAL C 46 -2.56 21.20 -4.37
C VAL C 46 -1.74 20.04 -4.96
N SER C 47 -1.20 19.23 -4.04
CA SER C 47 -0.37 18.06 -4.39
C SER C 47 -0.95 17.15 -5.49
N ARG C 48 -0.28 17.06 -6.64
CA ARG C 48 -0.78 16.18 -7.69
C ARG C 48 -0.35 14.77 -7.34
N GLU C 49 0.21 14.62 -6.14
CA GLU C 49 0.67 13.33 -5.64
C GLU C 49 -0.44 12.64 -4.87
N LEU C 50 -1.03 13.38 -3.95
CA LEU C 50 -2.10 12.89 -3.11
C LEU C 50 -3.45 13.06 -3.80
N TYR C 51 -3.59 14.14 -4.55
CA TYR C 51 -4.84 14.41 -5.25
C TYR C 51 -4.56 14.46 -6.77
N PRO C 52 -4.30 13.30 -7.41
CA PRO C 52 -4.00 13.21 -8.84
C PRO C 52 -5.04 13.76 -9.82
N VAL C 53 -4.53 14.30 -10.94
CA VAL C 53 -5.36 14.89 -11.98
C VAL C 53 -5.47 13.95 -13.18
N VAL C 54 -6.66 13.87 -13.76
CA VAL C 54 -6.90 13.03 -14.92
C VAL C 54 -7.81 13.71 -15.91
N HIS C 55 -7.54 13.47 -17.19
CA HIS C 55 -8.37 14.04 -18.23
C HIS C 55 -9.41 12.99 -18.58
N ILE C 56 -10.68 13.39 -18.51
CA ILE C 56 -11.77 12.50 -18.84
C ILE C 56 -12.75 13.27 -19.69
N GLY C 57 -12.87 12.87 -20.95
CA GLY C 57 -13.78 13.55 -21.85
C GLY C 57 -13.22 14.86 -22.38
N ASP C 58 -13.81 15.99 -21.96
CA ASP C 58 -13.36 17.31 -22.41
C ASP C 58 -12.94 18.24 -21.27
N GLU C 59 -12.82 17.71 -20.05
CA GLU C 59 -12.44 18.50 -18.88
C GLU C 59 -11.42 17.75 -18.04
N SER C 60 -10.73 18.51 -17.17
CA SER C 60 -9.75 17.93 -16.26
C SER C 60 -10.39 17.71 -14.89
N TRP C 61 -10.04 16.61 -14.24
CA TRP C 61 -10.60 16.28 -12.94
C TRP C 61 -9.56 16.05 -11.87
N ARG C 62 -9.95 16.26 -10.63
CA ARG C 62 -9.09 16.06 -9.48
C ARG C 62 -9.65 14.89 -8.69
N MET C 63 -8.80 13.95 -8.29
CA MET C 63 -9.29 12.84 -7.48
C MET C 63 -9.35 13.29 -6.02
N MET C 64 -10.55 13.33 -5.46
CA MET C 64 -10.72 13.73 -4.06
C MET C 64 -10.35 12.56 -3.14
N THR C 65 -9.11 12.11 -3.25
CA THR C 65 -8.58 11.01 -2.45
C THR C 65 -9.05 11.00 -1.01
N THR C 66 -9.07 12.16 -0.37
CA THR C 66 -9.52 12.27 1.01
C THR C 66 -11.00 12.04 1.17
N ASP C 67 -11.72 11.91 0.05
CA ASP C 67 -13.16 11.66 0.09
C ASP C 67 -13.46 10.21 -0.20
N MET C 68 -12.41 9.42 -0.29
CA MET C 68 -12.51 7.99 -0.55
C MET C 68 -13.68 7.41 0.25
N ALA C 69 -14.55 6.66 -0.42
CA ALA C 69 -15.67 6.05 0.26
C ALA C 69 -16.20 4.85 -0.50
N SER C 70 -16.92 3.99 0.23
CA SER C 70 -17.53 2.81 -0.33
C SER C 70 -18.81 3.21 -1.01
N VAL C 71 -19.10 2.59 -2.14
CA VAL C 71 -20.31 2.88 -2.87
C VAL C 71 -21.11 1.62 -3.13
N PRO C 72 -22.41 1.65 -2.84
CA PRO C 72 -23.34 0.54 -3.04
C PRO C 72 -23.56 0.36 -4.53
N VAL C 73 -23.30 -0.84 -5.05
CA VAL C 73 -23.46 -1.13 -6.47
C VAL C 73 -24.74 -0.57 -7.06
N SER C 74 -25.77 -0.50 -6.22
CA SER C 74 -27.07 0.01 -6.63
C SER C 74 -26.98 1.46 -7.10
N VAL C 75 -25.95 2.17 -6.64
CA VAL C 75 -25.77 3.57 -7.01
C VAL C 75 -24.92 3.73 -8.25
N ILE C 76 -24.15 2.70 -8.58
CA ILE C 76 -23.26 2.74 -9.73
C ILE C 76 -24.00 2.80 -11.06
N GLY C 77 -23.68 3.83 -11.83
CA GLY C 77 -24.32 4.04 -13.11
C GLY C 77 -23.61 3.31 -14.24
N GLU C 78 -23.20 4.05 -15.26
CA GLU C 78 -22.52 3.47 -16.41
C GLU C 78 -21.04 3.79 -16.53
N GLU C 79 -20.26 2.83 -17.02
CA GLU C 79 -18.83 2.98 -17.20
C GLU C 79 -18.62 4.09 -18.23
N VAL C 80 -17.80 5.08 -17.91
CA VAL C 80 -17.59 6.20 -18.83
C VAL C 80 -16.14 6.46 -19.19
N ALA C 81 -15.22 5.67 -18.65
CA ALA C 81 -13.82 5.85 -18.96
C ALA C 81 -12.95 4.86 -18.23
N ASP C 82 -11.69 4.79 -18.67
CA ASP C 82 -10.70 3.88 -18.11
C ASP C 82 -9.44 4.68 -17.81
N LEU C 83 -9.00 4.62 -16.55
CA LEU C 83 -7.80 5.34 -16.15
C LEU C 83 -6.74 4.34 -15.69
N SER C 84 -6.71 3.15 -16.28
CA SER C 84 -5.73 2.12 -15.91
C SER C 84 -4.28 2.51 -16.20
N HIS C 85 -4.10 3.43 -17.14
CA HIS C 85 -2.79 3.94 -17.52
C HIS C 85 -2.29 4.94 -16.49
N ARG C 86 -3.08 5.14 -15.44
CA ARG C 86 -2.72 6.07 -14.37
C ARG C 86 -2.65 5.26 -13.09
N GLU C 87 -2.61 3.94 -13.24
CA GLU C 87 -2.55 3.03 -12.09
C GLU C 87 -1.50 3.36 -11.03
N ASN C 88 -0.23 3.46 -11.38
CA ASN C 88 0.75 3.77 -10.35
C ASN C 88 0.55 5.11 -9.63
N ASP C 89 -0.02 6.09 -10.31
CA ASP C 89 -0.26 7.38 -9.68
C ASP C 89 -1.41 7.27 -8.66
N ILE C 90 -2.42 6.49 -9.03
CA ILE C 90 -3.58 6.27 -8.18
C ILE C 90 -3.14 5.48 -6.95
N LYS C 91 -2.28 4.49 -7.18
CA LYS C 91 -1.78 3.64 -6.12
C LYS C 91 -0.78 4.35 -5.22
N ASN C 92 -0.19 5.44 -5.69
CA ASN C 92 0.73 6.18 -4.84
C ASN C 92 -0.11 7.13 -4.01
N ALA C 93 -1.22 7.59 -4.59
CA ALA C 93 -2.10 8.48 -3.88
C ALA C 93 -2.56 7.68 -2.68
N ILE C 94 -3.13 6.51 -2.95
CA ILE C 94 -3.62 5.61 -1.92
C ILE C 94 -2.53 5.20 -0.92
N ASN C 95 -1.42 4.69 -1.43
CA ASN C 95 -0.33 4.26 -0.58
C ASN C 95 0.16 5.40 0.32
N LEU C 96 0.30 6.57 -0.29
CA LEU C 96 0.77 7.76 0.40
C LEU C 96 -0.17 8.20 1.54
N MET C 97 -1.43 7.78 1.47
CA MET C 97 -2.41 8.17 2.46
C MET C 97 -2.34 7.39 3.77
N PHE C 98 -2.10 6.09 3.65
CA PHE C 98 -2.04 5.21 4.81
C PHE C 98 -0.61 4.90 5.23
N TRP C 99 0.32 5.23 4.35
CA TRP C 99 1.72 4.99 4.56
C TRP C 99 2.55 6.29 4.47
N GLY C 100 1.94 7.34 3.92
CA GLY C 100 2.67 8.58 3.80
C GLY C 100 3.81 8.58 2.78
N ILE C 101 3.98 7.49 2.03
CA ILE C 101 5.03 7.45 1.03
C ILE C 101 4.62 6.86 -0.32
N MET D 1 -4.46 10.71 15.38
CA MET D 1 -3.24 9.87 15.27
C MET D 1 -3.48 8.45 14.82
N GLN D 2 -2.66 8.00 13.87
CA GLN D 2 -2.77 6.67 13.28
C GLN D 2 -2.79 5.52 14.29
N PHE D 3 -3.72 4.60 14.09
CA PHE D 3 -3.90 3.42 14.91
C PHE D 3 -4.51 3.65 16.29
N LYS D 4 -4.98 4.86 16.56
CA LYS D 4 -5.63 5.14 17.84
C LYS D 4 -7.11 5.20 17.62
N VAL D 5 -7.87 4.72 18.60
CA VAL D 5 -9.32 4.72 18.46
C VAL D 5 -9.95 5.88 19.21
N TYR D 6 -10.94 6.51 18.60
CA TYR D 6 -11.65 7.62 19.23
C TYR D 6 -13.14 7.40 19.10
N THR D 7 -13.89 8.32 19.72
CA THR D 7 -15.34 8.34 19.69
C THR D 7 -15.62 9.74 19.22
N TYR D 8 -16.88 10.04 18.91
CA TYR D 8 -17.27 11.38 18.45
C TYR D 8 -17.54 12.31 19.65
N LYS D 9 -18.04 13.51 19.37
CA LYS D 9 -18.35 14.46 20.43
C LYS D 9 -19.85 14.59 20.70
N ARG D 10 -20.60 13.49 20.61
CA ARG D 10 -22.03 13.59 20.85
C ARG D 10 -22.79 12.27 20.79
N GLU D 11 -23.59 12.01 21.82
CA GLU D 11 -24.39 10.81 21.90
C GLU D 11 -25.87 11.08 21.63
N ARG D 15 -20.14 5.63 17.13
CA ARG D 15 -19.67 5.51 18.50
C ARG D 15 -18.17 5.28 18.63
N LEU D 16 -17.57 4.46 17.77
CA LEU D 16 -16.12 4.21 17.87
C LEU D 16 -15.41 3.95 16.54
N PHE D 17 -14.16 4.42 16.43
CA PHE D 17 -13.38 4.22 15.20
C PHE D 17 -11.86 4.31 15.38
N VAL D 18 -11.14 3.79 14.37
CA VAL D 18 -9.67 3.81 14.37
C VAL D 18 -9.12 4.74 13.28
N ASP D 19 -8.29 5.69 13.68
CA ASP D 19 -7.68 6.62 12.73
C ASP D 19 -6.64 5.76 12.00
N VAL D 20 -6.70 5.71 10.67
CA VAL D 20 -5.77 4.87 9.89
C VAL D 20 -4.83 5.60 8.93
N GLN D 21 -5.04 6.91 8.83
CA GLN D 21 -4.26 7.80 7.97
C GLN D 21 -2.85 8.03 8.48
N SER D 22 -1.91 8.29 7.58
CA SER D 22 -0.53 8.52 7.98
C SER D 22 -0.35 9.81 8.73
N ASP D 23 0.45 9.75 9.80
CA ASP D 23 0.72 10.92 10.61
C ASP D 23 1.62 11.95 9.89
N ILE D 24 2.32 11.52 8.84
CA ILE D 24 3.18 12.43 8.11
C ILE D 24 2.55 12.97 6.82
N ILE D 25 1.24 12.78 6.68
CA ILE D 25 0.50 13.29 5.53
C ILE D 25 -0.50 14.19 6.18
N ASP D 26 -0.57 15.44 5.74
CA ASP D 26 -1.48 16.36 6.39
C ASP D 26 -2.69 16.75 5.57
N THR D 27 -3.86 16.55 6.17
CA THR D 27 -5.13 16.87 5.57
C THR D 27 -5.73 17.97 6.45
N PRO D 28 -5.52 19.24 6.07
CA PRO D 28 -6.00 20.41 6.79
C PRO D 28 -7.01 20.19 7.92
N GLY D 29 -8.16 19.59 7.63
CA GLY D 29 -9.11 19.40 8.72
C GLY D 29 -9.78 18.05 8.76
N ARG D 30 -9.50 17.21 7.77
CA ARG D 30 -10.07 15.89 7.68
C ARG D 30 -9.17 14.79 8.28
N ARG D 31 -9.61 13.54 8.16
CA ARG D 31 -8.85 12.40 8.71
C ARG D 31 -9.48 11.04 8.25
N MET D 32 -8.67 10.12 7.76
CA MET D 32 -9.19 8.82 7.30
C MET D 32 -9.44 7.82 8.42
N VAL D 33 -10.64 7.27 8.40
CA VAL D 33 -11.09 6.35 9.43
C VAL D 33 -11.83 5.09 8.98
N ILE D 34 -11.66 4.05 9.80
CA ILE D 34 -12.32 2.78 9.63
C ILE D 34 -13.11 2.59 10.92
N PRO D 35 -14.44 2.57 10.80
CA PRO D 35 -15.30 2.38 11.98
C PRO D 35 -15.15 0.96 12.56
N LEU D 36 -15.60 0.80 13.80
CA LEU D 36 -15.55 -0.51 14.47
C LEU D 36 -16.94 -1.03 14.70
N ALA D 37 -17.17 -2.26 14.29
CA ALA D 37 -18.45 -2.90 14.48
C ALA D 37 -18.22 -3.96 15.53
N SER D 38 -19.29 -4.36 16.20
CA SER D 38 -19.20 -5.40 17.21
C SER D 38 -18.68 -6.67 16.52
N ALA D 39 -17.66 -7.30 17.10
CA ALA D 39 -17.09 -8.50 16.49
C ALA D 39 -18.06 -9.65 16.49
N ARG D 40 -18.62 -9.93 17.67
CA ARG D 40 -19.57 -11.02 17.82
C ARG D 40 -20.35 -11.31 16.55
N LEU D 41 -21.21 -10.37 16.19
CA LEU D 41 -22.09 -10.51 15.03
C LEU D 41 -21.51 -10.90 13.67
N LEU D 42 -20.21 -11.12 13.58
CA LEU D 42 -19.65 -11.55 12.30
C LEU D 42 -19.24 -13.01 12.35
N SER D 43 -19.92 -13.82 11.53
CA SER D 43 -19.65 -15.24 11.46
C SER D 43 -18.33 -15.46 10.75
N SER D 47 -13.09 -12.85 4.67
CA SER D 47 -11.72 -12.91 5.18
C SER D 47 -11.58 -12.21 6.52
N ARG D 48 -11.08 -12.93 7.52
CA ARG D 48 -10.88 -12.32 8.82
C ARG D 48 -9.60 -11.51 8.68
N GLU D 49 -9.06 -11.55 7.46
CA GLU D 49 -7.82 -10.85 7.14
C GLU D 49 -8.11 -9.47 6.57
N LEU D 50 -9.29 -9.35 5.95
CA LEU D 50 -9.76 -8.10 5.36
C LEU D 50 -10.51 -7.29 6.41
N TYR D 51 -10.99 -7.99 7.44
CA TYR D 51 -11.73 -7.35 8.51
C TYR D 51 -11.16 -7.77 9.87
N PRO D 52 -9.94 -7.31 10.19
CA PRO D 52 -9.30 -7.65 11.44
C PRO D 52 -10.14 -7.39 12.68
N VAL D 53 -9.97 -8.25 13.67
CA VAL D 53 -10.69 -8.14 14.94
C VAL D 53 -9.71 -7.61 15.98
N VAL D 54 -10.10 -6.54 16.66
CA VAL D 54 -9.27 -5.88 17.65
C VAL D 54 -9.91 -5.90 19.04
N HIS D 55 -9.09 -5.73 20.08
CA HIS D 55 -9.61 -5.70 21.44
C HIS D 55 -9.47 -4.32 22.07
N ILE D 56 -10.49 -3.95 22.83
CA ILE D 56 -10.51 -2.67 23.51
C ILE D 56 -11.25 -2.96 24.80
N GLY D 57 -10.55 -2.88 25.92
CA GLY D 57 -11.17 -3.18 27.18
C GLY D 57 -11.53 -4.65 27.04
N ASP D 58 -12.43 -5.16 27.87
CA ASP D 58 -12.81 -6.56 27.77
C ASP D 58 -13.79 -6.70 26.60
N GLU D 59 -13.43 -6.15 25.45
CA GLU D 59 -14.31 -6.22 24.28
C GLU D 59 -13.54 -6.38 22.97
N SER D 60 -14.20 -6.98 21.98
CA SER D 60 -13.62 -7.24 20.66
C SER D 60 -14.46 -6.66 19.55
N TRP D 61 -13.82 -6.00 18.58
CA TRP D 61 -14.55 -5.41 17.46
C TRP D 61 -13.97 -5.79 16.10
N ARG D 62 -14.76 -5.55 15.04
CA ARG D 62 -14.36 -5.83 13.65
C ARG D 62 -14.04 -4.50 13.00
N MET D 63 -12.84 -4.34 12.46
CA MET D 63 -12.57 -3.11 11.77
C MET D 63 -13.32 -3.23 10.46
N MET D 64 -14.41 -2.48 10.34
CA MET D 64 -15.22 -2.52 9.12
C MET D 64 -14.49 -1.82 8.00
N THR D 65 -13.51 -2.52 7.43
CA THR D 65 -12.67 -1.99 6.37
C THR D 65 -13.40 -1.44 5.15
N THR D 66 -14.39 -2.16 4.64
CA THR D 66 -15.11 -1.67 3.46
C THR D 66 -15.87 -0.34 3.70
N ASP D 67 -16.08 0.02 4.96
CA ASP D 67 -16.78 1.26 5.31
C ASP D 67 -15.89 2.43 5.65
N MET D 68 -14.63 2.33 5.24
CA MET D 68 -13.64 3.38 5.48
C MET D 68 -14.17 4.77 5.11
N ALA D 69 -13.68 5.79 5.80
CA ALA D 69 -14.14 7.15 5.50
C ALA D 69 -13.34 8.29 6.15
N SER D 70 -13.56 9.49 5.61
CA SER D 70 -12.91 10.71 6.09
C SER D 70 -13.79 11.32 7.17
N VAL D 71 -13.17 11.88 8.20
CA VAL D 71 -13.90 12.52 9.31
C VAL D 71 -13.34 13.89 9.68
N PRO D 72 -14.21 14.90 9.77
CA PRO D 72 -13.77 16.25 10.14
C PRO D 72 -13.19 16.18 11.56
N VAL D 73 -11.94 16.60 11.73
CA VAL D 73 -11.30 16.52 13.04
C VAL D 73 -12.10 17.20 14.14
N SER D 74 -13.06 18.04 13.75
CA SER D 74 -13.88 18.77 14.71
C SER D 74 -14.89 17.89 15.45
N VAL D 75 -15.21 16.74 14.88
CA VAL D 75 -16.16 15.82 15.51
C VAL D 75 -15.47 14.79 16.42
N ILE D 76 -14.16 14.58 16.20
CA ILE D 76 -13.38 13.60 16.94
C ILE D 76 -13.26 13.79 18.46
N GLY D 77 -13.80 12.81 19.19
CA GLY D 77 -13.80 12.82 20.64
C GLY D 77 -12.51 12.35 21.31
N GLU D 78 -12.65 11.67 22.45
CA GLU D 78 -11.51 11.19 23.22
C GLU D 78 -10.83 9.97 22.63
N GLU D 79 -9.58 9.76 23.01
CA GLU D 79 -8.86 8.58 22.57
C GLU D 79 -9.36 7.53 23.55
N VAL D 80 -9.84 6.41 23.03
CA VAL D 80 -10.33 5.36 23.90
C VAL D 80 -9.30 4.24 24.05
N ALA D 81 -8.50 4.05 23.00
CA ALA D 81 -7.49 3.01 23.00
C ALA D 81 -6.46 3.29 21.91
N ASP D 82 -5.42 2.45 21.85
CA ASP D 82 -4.34 2.58 20.88
C ASP D 82 -4.05 1.20 20.28
N LEU D 83 -4.24 1.06 18.97
CA LEU D 83 -3.99 -0.21 18.33
C LEU D 83 -2.63 -0.31 17.60
N SER D 84 -1.75 0.66 17.82
CA SER D 84 -0.43 0.64 17.19
C SER D 84 0.21 -0.74 17.13
N HIS D 85 -0.10 -1.60 18.10
CA HIS D 85 0.50 -2.93 18.10
C HIS D 85 -0.17 -3.89 17.08
N ARG D 86 -1.11 -3.38 16.30
CA ARG D 86 -1.76 -4.21 15.29
C ARG D 86 -1.49 -3.61 13.93
N GLU D 87 -0.56 -2.66 13.86
CA GLU D 87 -0.22 -1.99 12.61
C GLU D 87 -0.12 -2.89 11.40
N ASN D 88 0.63 -3.99 11.49
CA ASN D 88 0.74 -4.89 10.33
C ASN D 88 -0.62 -5.43 9.87
N ASP D 89 -1.39 -5.97 10.79
CA ASP D 89 -2.71 -6.51 10.48
C ASP D 89 -3.53 -5.43 9.82
N ILE D 90 -3.64 -4.30 10.50
CA ILE D 90 -4.40 -3.20 9.98
C ILE D 90 -3.88 -2.78 8.61
N LYS D 91 -2.57 -2.59 8.47
CA LYS D 91 -2.08 -2.21 7.15
C LYS D 91 -2.35 -3.30 6.09
N ASN D 92 -2.10 -4.56 6.43
CA ASN D 92 -2.38 -5.63 5.49
C ASN D 92 -3.84 -5.57 5.02
N ALA D 93 -4.76 -5.29 5.93
CA ALA D 93 -6.17 -5.21 5.57
C ALA D 93 -6.41 -4.14 4.51
N ILE D 94 -5.81 -2.97 4.70
CA ILE D 94 -5.95 -1.84 3.78
C ILE D 94 -5.32 -2.15 2.41
N ASN D 95 -4.21 -2.88 2.43
CA ASN D 95 -3.47 -3.26 1.23
C ASN D 95 -4.27 -4.32 0.44
N LEU D 96 -4.87 -5.24 1.17
CA LEU D 96 -5.67 -6.30 0.58
C LEU D 96 -6.82 -5.72 -0.25
N MET D 97 -7.32 -4.56 0.17
CA MET D 97 -8.43 -3.95 -0.55
C MET D 97 -8.05 -3.24 -1.84
N PHE D 98 -6.96 -2.48 -1.83
CA PHE D 98 -6.58 -1.78 -3.04
C PHE D 98 -5.74 -2.63 -3.97
N TRP D 99 -4.76 -3.34 -3.41
CA TRP D 99 -3.87 -4.21 -4.15
C TRP D 99 -4.34 -5.68 -4.24
N GLY D 100 -5.33 -6.03 -3.42
CA GLY D 100 -5.84 -7.39 -3.43
C GLY D 100 -4.83 -8.40 -2.95
N ILE D 101 -3.82 -7.91 -2.21
CA ILE D 101 -2.78 -8.75 -1.65
C ILE D 101 -2.19 -8.29 -0.32
#